data_6JBG
#
_entry.id   6JBG
#
_cell.length_a   28.382
_cell.length_b   83.720
_cell.length_c   51.444
_cell.angle_alpha   90.000
_cell.angle_beta   95.100
_cell.angle_gamma   90.000
#
_symmetry.space_group_name_H-M   'P 1 21 1'
#
loop_
_entity.id
_entity.type
_entity.pdbx_description
1 polymer "RNA (5'-R(P*UP*GP*CP*GP*UP*CP*AP*CP*GP*CP*CP*GP*GP*CP*GP*AP*AP*GP*UP*CP*GP*C)-3')"
2 polymer "RNA (5'-R(*UP*UP*GP*CP*GP*UP*CP*AP*CP*GP*CP*CP*GP*GP*CP*GP*AP*AP*GP*UP*CP*GP*C)-3')"
3 non-polymer '(1R,2R,3S,4R,6S)-4,6-diamino-2,3-dihydroxycyclohexyl 2,6-diamino-2,4,6-trideoxy-4-fluoro-alpha-D-glucopyranoside'
4 water water
#
loop_
_entity_poly.entity_id
_entity_poly.type
_entity_poly.pdbx_seq_one_letter_code
_entity_poly.pdbx_strand_id
1 'polyribonucleotide' UGCGUCACGCCGGCGAAGUCGC A,B
2 'polyribonucleotide' UUGCGUCACGCCGGCGAAGUCGC C,D
#
loop_
_chem_comp.id
_chem_comp.type
_chem_comp.name
_chem_comp.formula
A RNA linking ADENOSINE-5'-MONOPHOSPHATE 'C10 H14 N5 O7 P'
C RNA linking CYTIDINE-5'-MONOPHOSPHATE 'C9 H14 N3 O8 P'
G RNA linking GUANOSINE-5'-MONOPHOSPHATE 'C10 H14 N5 O8 P'
S81 D-saccharide '(1R,2R,3S,4R,6S)-4,6-diamino-2,3-dihydroxycyclohexyl 2,6-diamino-2,4,6-trideoxy-4-fluoro-alpha-D-glucopyranoside' 'C12 H25 F N4 O5'
U RNA linking URIDINE-5'-MONOPHOSPHATE 'C9 H13 N2 O9 P'
#
# COMPACT_ATOMS: atom_id res chain seq x y z
C1 S81 E . 1.29 0.27 0.14
C10 S81 E . -1.09 0.21 0.75
C11 S81 E . -1.65 1.61 0.43
C12 S81 E . -2.77 1.96 1.41
C2 S81 E . 1.89 0.90 -1.10
C3 S81 E . 2.07 -0.13 -2.19
C4 S81 E . 2.99 -1.18 -1.64
C5 S81 E . 2.42 -1.80 -0.38
C6 S81 E . 3.36 -2.78 0.32
C7 S81 E . -3.90 0.96 1.22
C8 S81 E . -3.42 -0.47 1.45
C9 S81 E . -2.23 -0.76 0.53
F99 S81 E . 3.10 -2.15 -2.62
N2 S81 E . 0.99 1.93 -1.58
N6 S81 E . 2.89 -3.08 1.66
N7 S81 E . -4.99 1.28 2.12
N9 S81 E . -1.76 -2.14 0.68
O1 S81 E . -0.04 -0.18 -0.16
O11 S81 E . -0.64 2.61 0.54
O12 S81 E . -3.25 3.29 1.18
O3 S81 E . 2.65 0.44 -3.37
O5 S81 E . 2.10 -0.81 0.61
#